data_8QZW
#
_entry.id   8QZW
#
_cell.length_a   123.145
_cell.length_b   123.145
_cell.length_c   263.326
_cell.angle_alpha   90.00
_cell.angle_beta   90.00
_cell.angle_gamma   90.00
#
_symmetry.space_group_name_H-M   'I 41 2 2'
#
loop_
_entity.id
_entity.type
_entity.pdbx_description
1 polymer 'Deoxyhypusine synthase related protein, putative'
2 non-polymer NICOTINAMIDE-ADENINE-DINUCLEOTIDE
3 non-polymer 'SULFATE ION'
4 non-polymer GLYCEROL
5 water water
#
_entity_poly.entity_id   1
_entity_poly.type   'polypeptide(L)'
_entity_poly.pdbx_seq_one_letter_code
;MSRAPSLAPSLAVDSVFVESEELTTPLVKGYVPDDNGKFDFDKMLEQMKYCGFQATNLGLAIDQINEMLHYDYEPQPGDE
KKLFGLGGGVEGVKYKPRACKIFLGITSNLISSGMRDYIRFLVKHALVDVVVCTAGGIEEDFIKCLAPTHMGEFFHDGHD
LRKRGLNRIGNLIVPNKNY(CSS)LFEDWIMPILDKCLEEQNTQGTKWTPSKLIHRLGLEINNEDSVWYWAAKNNIPVYS
PALTDGSIGDMIYFHSYNNPGLVLDLVEDIRDMNNEPLWATKTGCIILGGGVVKHHIMNANLYRNGADFVVYVNTAHDFD
GSDSGARPDEAVSWGKISLEAKPVKVYAEVTLVLPLLVAGSFSKFLAE
;
_entity_poly.pdbx_strand_id   A
#
# COMPACT_ATOMS: atom_id res chain seq x y z
N SER A 6 -45.53 -35.75 -24.89
CA SER A 6 -45.73 -36.72 -23.81
C SER A 6 -45.91 -35.96 -22.50
N LEU A 7 -45.34 -36.52 -21.45
CA LEU A 7 -45.27 -35.87 -20.17
C LEU A 7 -43.78 -35.74 -19.91
N ALA A 8 -43.33 -34.60 -19.42
CA ALA A 8 -41.93 -34.42 -19.12
C ALA A 8 -41.49 -35.41 -18.03
N PRO A 9 -40.23 -35.85 -18.06
CA PRO A 9 -39.77 -36.80 -17.03
C PRO A 9 -39.94 -36.22 -15.64
N SER A 10 -40.46 -37.04 -14.72
CA SER A 10 -40.74 -36.54 -13.38
C SER A 10 -39.46 -36.16 -12.64
N LEU A 11 -38.36 -36.87 -12.89
CA LEU A 11 -37.11 -36.50 -12.22
C LEU A 11 -36.64 -35.12 -12.64
N ALA A 12 -36.86 -34.76 -13.91
CA ALA A 12 -36.49 -33.43 -14.39
C ALA A 12 -37.38 -32.37 -13.75
N VAL A 13 -38.70 -32.61 -13.74
CA VAL A 13 -39.60 -31.67 -13.08
C VAL A 13 -39.17 -31.45 -11.63
N ASP A 14 -38.92 -32.55 -10.92
CA ASP A 14 -38.62 -32.42 -9.50
C ASP A 14 -37.29 -31.71 -9.28
N SER A 15 -36.33 -31.91 -10.18
CA SER A 15 -34.99 -31.35 -9.96
C SER A 15 -34.92 -29.89 -10.37
N VAL A 16 -35.62 -29.51 -11.43
CA VAL A 16 -35.58 -28.12 -11.90
C VAL A 16 -36.42 -27.21 -11.02
N PHE A 17 -37.50 -27.72 -10.43
CA PHE A 17 -38.45 -26.84 -9.74
C PHE A 17 -38.49 -27.09 -8.24
N VAL A 18 -37.33 -27.13 -7.58
CA VAL A 18 -37.31 -27.36 -6.13
C VAL A 18 -37.83 -26.12 -5.41
N GLU A 19 -38.30 -26.33 -4.18
CA GLU A 19 -38.70 -25.23 -3.32
C GLU A 19 -37.47 -24.53 -2.77
N SER A 20 -37.65 -23.28 -2.36
CA SER A 20 -36.54 -22.45 -1.90
C SER A 20 -36.91 -21.76 -0.59
N GLU A 21 -35.87 -21.49 0.20
CA GLU A 21 -36.02 -20.73 1.43
C GLU A 21 -36.27 -19.26 1.11
N GLU A 22 -37.09 -18.61 1.95
CA GLU A 22 -37.34 -17.19 1.81
C GLU A 22 -36.23 -16.41 2.50
N LEU A 23 -35.68 -15.41 1.81
CA LEU A 23 -34.50 -14.71 2.29
C LEU A 23 -34.81 -13.26 2.66
N THR A 24 -34.11 -12.77 3.68
CA THR A 24 -34.24 -11.40 4.15
C THR A 24 -32.96 -10.60 3.92
N THR A 25 -32.02 -11.14 3.16
CA THR A 25 -30.77 -10.48 2.87
C THR A 25 -30.98 -9.33 1.91
N PRO A 26 -30.01 -8.40 1.84
CA PRO A 26 -30.16 -7.25 0.95
C PRO A 26 -30.26 -7.68 -0.50
N LEU A 27 -30.73 -6.75 -1.34
CA LEU A 27 -30.99 -7.03 -2.74
C LEU A 27 -29.92 -6.41 -3.63
N VAL A 28 -29.72 -7.03 -4.78
CA VAL A 28 -28.81 -6.48 -5.79
C VAL A 28 -29.49 -5.30 -6.47
N LYS A 29 -28.78 -4.19 -6.55
CA LYS A 29 -29.37 -2.96 -7.11
C LYS A 29 -28.24 -1.97 -7.41
N GLY A 30 -28.16 -1.56 -8.68
CA GLY A 30 -27.21 -0.54 -9.07
C GLY A 30 -27.74 0.87 -8.90
N TYR A 31 -26.86 1.83 -9.08
CA TYR A 31 -27.25 3.23 -9.18
C TYR A 31 -27.92 3.48 -10.53
N VAL A 32 -29.00 4.25 -10.51
CA VAL A 32 -29.76 4.55 -11.72
C VAL A 32 -29.35 5.94 -12.21
N PRO A 33 -28.56 6.05 -13.27
CA PRO A 33 -28.19 7.39 -13.74
C PRO A 33 -29.42 8.18 -14.16
N ASP A 34 -29.35 9.50 -13.97
CA ASP A 34 -30.52 10.33 -14.12
C ASP A 34 -30.87 10.52 -15.59
N ASP A 35 -32.17 10.59 -15.87
CA ASP A 35 -32.63 10.59 -17.26
C ASP A 35 -32.29 11.89 -17.99
N ASN A 36 -31.81 12.92 -17.28
CA ASN A 36 -31.39 14.15 -17.91
C ASN A 36 -29.88 14.21 -18.14
N GLY A 37 -29.14 13.15 -17.81
CA GLY A 37 -27.72 13.14 -17.99
C GLY A 37 -26.91 13.45 -16.76
N LYS A 38 -27.56 13.82 -15.65
CA LYS A 38 -26.81 14.06 -14.43
C LYS A 38 -26.30 12.74 -13.88
N PHE A 39 -25.13 12.78 -13.24
CA PHE A 39 -24.48 11.59 -12.70
C PHE A 39 -24.01 11.88 -11.29
N ASP A 40 -24.59 11.19 -10.33
CA ASP A 40 -24.32 11.42 -8.91
C ASP A 40 -23.25 10.41 -8.46
N PHE A 41 -22.01 10.88 -8.36
CA PHE A 41 -20.91 9.99 -8.01
C PHE A 41 -21.06 9.43 -6.60
N ASP A 42 -21.67 10.17 -5.69
CA ASP A 42 -21.79 9.66 -4.33
C ASP A 42 -22.79 8.52 -4.26
N LYS A 43 -23.88 8.60 -5.02
CA LYS A 43 -24.83 7.49 -5.07
C LYS A 43 -24.25 6.30 -5.83
N MET A 44 -23.52 6.56 -6.91
CA MET A 44 -22.74 5.51 -7.56
C MET A 44 -21.88 4.76 -6.54
N LEU A 45 -21.10 5.50 -5.76
CA LEU A 45 -20.18 4.87 -4.84
C LEU A 45 -20.93 4.12 -3.75
N GLU A 46 -22.01 4.72 -3.24
CA GLU A 46 -22.83 4.07 -2.22
C GLU A 46 -23.44 2.77 -2.70
N GLN A 47 -23.80 2.68 -3.97
CA GLN A 47 -24.43 1.45 -4.44
C GLN A 47 -23.43 0.35 -4.80
N MET A 48 -22.12 0.61 -4.85
CA MET A 48 -21.18 -0.44 -5.24
CA MET A 48 -21.19 -0.44 -5.24
C MET A 48 -21.36 -1.67 -4.36
N LYS A 49 -21.56 -1.46 -3.06
CA LYS A 49 -21.73 -2.60 -2.16
C LYS A 49 -22.84 -3.54 -2.59
N TYR A 50 -23.87 -3.03 -3.29
CA TYR A 50 -25.02 -3.84 -3.70
C TYR A 50 -25.02 -4.16 -5.19
N CYS A 51 -23.89 -3.94 -5.87
CA CYS A 51 -23.83 -4.19 -7.30
C CYS A 51 -23.38 -5.59 -7.65
N GLY A 52 -22.71 -6.30 -6.75
CA GLY A 52 -22.25 -7.64 -7.02
C GLY A 52 -20.79 -7.68 -7.46
N PHE A 53 -20.27 -8.91 -7.48
CA PHE A 53 -18.90 -9.25 -7.95
C PHE A 53 -17.93 -8.27 -7.27
N GLN A 54 -16.98 -7.68 -7.99
CA GLN A 54 -15.91 -6.95 -7.29
C GLN A 54 -16.35 -5.54 -6.86
N ALA A 55 -17.36 -4.96 -7.51
CA ALA A 55 -17.95 -3.72 -6.98
C ALA A 55 -18.40 -3.92 -5.55
N THR A 56 -19.05 -5.06 -5.25
CA THR A 56 -19.43 -5.34 -3.87
C THR A 56 -18.20 -5.38 -2.97
N ASN A 57 -17.14 -6.06 -3.41
CA ASN A 57 -15.94 -6.12 -2.57
C ASN A 57 -15.30 -4.76 -2.38
N LEU A 58 -15.35 -3.91 -3.39
CA LEU A 58 -14.87 -2.55 -3.21
C LEU A 58 -15.68 -1.80 -2.15
N GLY A 59 -17.01 -1.97 -2.16
CA GLY A 59 -17.83 -1.38 -1.11
C GLY A 59 -17.49 -1.90 0.27
N LEU A 60 -17.29 -3.22 0.37
CA LEU A 60 -16.89 -3.80 1.66
C LEU A 60 -15.50 -3.35 2.08
N ALA A 61 -14.60 -3.11 1.12
CA ALA A 61 -13.27 -2.61 1.47
C ALA A 61 -13.35 -1.19 1.99
N ILE A 62 -14.20 -0.35 1.38
CA ILE A 62 -14.42 1.00 1.92
C ILE A 62 -14.90 0.91 3.37
N ASP A 63 -15.88 0.03 3.63
CA ASP A 63 -16.37 -0.19 4.99
C ASP A 63 -15.23 -0.62 5.92
N GLN A 64 -14.38 -1.54 5.46
CA GLN A 64 -13.28 -2.04 6.29
C GLN A 64 -12.30 -0.94 6.63
N ILE A 65 -11.95 -0.08 5.66
CA ILE A 65 -11.01 0.99 5.96
C ILE A 65 -11.68 1.99 6.91
N ASN A 66 -12.97 2.26 6.73
CA ASN A 66 -13.64 3.18 7.64
C ASN A 66 -13.66 2.63 9.05
N GLU A 67 -13.73 1.30 9.22
CA GLU A 67 -13.62 0.73 10.55
C GLU A 67 -12.24 0.97 11.15
N MET A 68 -11.19 0.93 10.32
CA MET A 68 -9.85 1.26 10.83
C MET A 68 -9.80 2.71 11.28
N LEU A 69 -10.32 3.61 10.45
CA LEU A 69 -10.18 5.04 10.72
C LEU A 69 -11.00 5.48 11.92
N HIS A 70 -12.12 4.82 12.18
CA HIS A 70 -13.06 5.20 13.24
C HIS A 70 -12.99 4.31 14.48
N TYR A 71 -12.14 3.28 14.49
CA TYR A 71 -12.08 2.43 15.66
C TYR A 71 -11.74 3.27 16.90
N ASP A 72 -12.44 3.02 18.00
CA ASP A 72 -12.15 3.70 19.26
C ASP A 72 -12.42 2.74 20.41
N TYR A 73 -11.88 3.06 21.58
CA TYR A 73 -12.05 2.18 22.73
C TYR A 73 -11.87 2.98 24.00
N GLU A 74 -12.42 2.44 25.08
CA GLU A 74 -12.04 2.96 26.42
C GLU A 74 -10.91 2.24 27.18
N PRO A 75 -9.80 2.96 27.43
CA PRO A 75 -8.65 2.27 28.03
C PRO A 75 -9.05 1.60 29.34
N GLN A 76 -8.31 0.55 29.68
CA GLN A 76 -8.46 -0.11 30.96
C GLN A 76 -8.09 0.86 32.09
N PRO A 77 -8.62 0.61 33.29
CA PRO A 77 -8.28 1.49 34.43
C PRO A 77 -6.78 1.61 34.63
N GLY A 78 -6.30 2.85 34.70
CA GLY A 78 -4.89 3.12 34.87
C GLY A 78 -4.12 3.31 33.58
N ASP A 79 -4.65 2.84 32.46
CA ASP A 79 -3.97 3.01 31.18
C ASP A 79 -4.34 4.34 30.56
N GLU A 80 -3.45 4.86 29.72
CA GLU A 80 -3.78 5.94 28.81
C GLU A 80 -4.08 5.36 27.43
N LYS A 81 -4.74 6.16 26.60
CA LYS A 81 -5.12 5.72 25.27
C LYS A 81 -3.90 5.79 24.35
N LYS A 82 -3.69 4.72 23.58
CA LYS A 82 -2.58 4.65 22.64
C LYS A 82 -3.08 5.09 21.27
N LEU A 83 -2.53 6.18 20.75
CA LEU A 83 -3.02 6.79 19.52
C LEU A 83 -1.97 6.81 18.42
N PHE A 84 -2.46 6.95 17.18
CA PHE A 84 -1.65 6.90 15.97
C PHE A 84 -2.13 7.98 15.02
N GLY A 85 -1.39 8.17 13.93
CA GLY A 85 -1.75 9.20 12.99
C GLY A 85 -1.54 10.61 13.51
N LEU A 86 -0.63 10.79 14.47
CA LEU A 86 -0.44 12.11 15.07
C LEU A 86 0.31 13.06 14.17
N GLY A 87 1.18 12.56 13.31
CA GLY A 87 1.91 13.41 12.40
C GLY A 87 3.17 13.98 13.03
N GLY A 88 3.87 14.78 12.23
CA GLY A 88 5.13 15.36 12.65
C GLY A 88 5.03 16.86 12.86
N GLY A 89 3.82 17.37 13.10
CA GLY A 89 3.63 18.77 13.42
C GLY A 89 3.97 19.71 12.30
N VAL A 90 3.81 19.29 11.04
CA VAL A 90 4.09 20.18 9.92
C VAL A 90 3.01 21.25 9.85
N GLU A 91 3.44 22.50 9.64
CA GLU A 91 2.52 23.63 9.72
C GLU A 91 1.46 23.54 8.64
N GLY A 92 0.20 23.67 9.04
CA GLY A 92 -0.89 23.71 8.12
C GLY A 92 -1.47 22.37 7.74
N VAL A 93 -0.83 21.27 8.16
CA VAL A 93 -1.25 19.93 7.74
C VAL A 93 -2.25 19.39 8.76
N LYS A 94 -3.42 18.98 8.28
CA LYS A 94 -4.43 18.41 9.16
C LYS A 94 -4.12 16.94 9.43
N TYR A 95 -4.11 16.59 10.72
CA TYR A 95 -3.94 15.22 11.18
C TYR A 95 -5.17 14.83 12.00
N LYS A 96 -5.38 13.52 12.13
CA LYS A 96 -6.55 13.00 12.83
C LYS A 96 -6.12 11.78 13.65
N PRO A 97 -5.96 11.93 14.97
CA PRO A 97 -5.53 10.80 15.78
C PRO A 97 -6.50 9.63 15.71
N ARG A 98 -5.95 8.42 15.80
CA ARG A 98 -6.67 7.17 15.60
C ARG A 98 -6.20 6.16 16.62
N ALA A 99 -7.12 5.31 17.10
CA ALA A 99 -6.73 4.23 17.99
C ALA A 99 -6.28 2.97 17.26
N CYS A 100 -6.56 2.87 15.95
CA CYS A 100 -6.09 1.76 15.12
C CYS A 100 -4.84 2.17 14.34
N LYS A 101 -3.79 1.38 14.48
CA LYS A 101 -2.56 1.58 13.73
C LYS A 101 -2.69 0.93 12.35
N ILE A 102 -2.26 1.64 11.31
CA ILE A 102 -2.53 1.22 9.93
C ILE A 102 -1.21 1.00 9.18
N PHE A 103 -1.09 -0.19 8.57
CA PHE A 103 0.04 -0.55 7.72
C PHE A 103 -0.40 -0.48 6.26
N LEU A 104 0.44 0.11 5.42
CA LEU A 104 0.21 0.18 3.98
C LEU A 104 1.32 -0.56 3.25
N GLY A 105 0.96 -1.48 2.36
CA GLY A 105 1.94 -2.12 1.50
C GLY A 105 1.67 -1.75 0.06
N ILE A 106 2.71 -1.38 -0.68
CA ILE A 106 2.55 -1.02 -2.08
C ILE A 106 3.65 -1.66 -2.91
N THR A 107 3.26 -2.22 -4.07
CA THR A 107 4.25 -2.65 -5.03
C THR A 107 4.86 -1.45 -5.75
N SER A 108 6.04 -1.67 -6.35
CA SER A 108 6.84 -0.56 -6.85
C SER A 108 6.13 0.17 -7.98
N ASN A 109 5.46 -0.57 -8.85
CA ASN A 109 4.79 0.03 -10.00
C ASN A 109 3.70 1.01 -9.59
N LEU A 110 3.19 0.95 -8.37
CA LEU A 110 2.18 1.93 -7.98
C LEU A 110 2.77 3.32 -7.85
N ILE A 111 4.05 3.42 -7.48
CA ILE A 111 4.72 4.72 -7.47
C ILE A 111 5.07 5.16 -8.89
N SER A 112 5.37 4.24 -9.80
CA SER A 112 5.53 4.61 -11.21
C SER A 112 4.27 5.25 -11.77
N SER A 113 3.12 4.73 -11.36
CA SER A 113 1.82 5.19 -11.83
C SER A 113 1.43 6.48 -11.15
N GLY A 114 0.29 7.04 -11.60
CA GLY A 114 -0.30 8.18 -10.95
C GLY A 114 -0.89 7.91 -9.60
N MET A 115 -0.91 6.64 -9.15
CA MET A 115 -1.31 6.40 -7.78
C MET A 115 -0.37 7.08 -6.80
N ARG A 116 0.81 7.50 -7.26
CA ARG A 116 1.75 8.21 -6.40
C ARG A 116 1.05 9.39 -5.72
N ASP A 117 0.17 10.07 -6.45
CA ASP A 117 -0.49 11.26 -5.90
C ASP A 117 -1.50 10.89 -4.82
N TYR A 118 -2.19 9.76 -4.97
CA TYR A 118 -3.11 9.32 -3.92
C TYR A 118 -2.35 8.83 -2.69
N ILE A 119 -1.26 8.09 -2.92
CA ILE A 119 -0.47 7.59 -1.81
C ILE A 119 0.16 8.75 -1.05
N ARG A 120 0.64 9.76 -1.78
CA ARG A 120 1.26 10.91 -1.12
C ARG A 120 0.27 11.59 -0.19
N PHE A 121 -0.98 11.73 -0.63
CA PHE A 121 -2.05 12.28 0.20
C PHE A 121 -2.19 11.54 1.51
N LEU A 122 -2.18 10.20 1.47
CA LEU A 122 -2.30 9.42 2.70
C LEU A 122 -1.11 9.64 3.62
N VAL A 123 0.10 9.69 3.07
CA VAL A 123 1.30 9.80 3.89
C VAL A 123 1.45 11.22 4.44
N LYS A 124 1.14 12.23 3.61
CA LYS A 124 1.19 13.61 4.06
C LYS A 124 0.34 13.84 5.29
N HIS A 125 -0.86 13.29 5.34
CA HIS A 125 -1.76 13.47 6.47
C HIS A 125 -1.65 12.38 7.50
N ALA A 126 -0.62 11.54 7.44
CA ALA A 126 -0.41 10.48 8.41
C ALA A 126 -1.69 9.66 8.60
N LEU A 127 -2.36 9.37 7.48
CA LEU A 127 -3.50 8.47 7.50
C LEU A 127 -3.10 7.00 7.47
N VAL A 128 -1.80 6.71 7.32
CA VAL A 128 -1.21 5.40 7.57
C VAL A 128 0.01 5.65 8.46
N ASP A 129 0.46 4.60 9.17
CA ASP A 129 1.52 4.75 10.17
C ASP A 129 2.82 4.07 9.82
N VAL A 130 2.77 2.99 9.03
CA VAL A 130 3.94 2.25 8.57
C VAL A 130 3.71 1.91 7.11
N VAL A 131 4.74 2.04 6.28
CA VAL A 131 4.64 1.65 4.88
C VAL A 131 5.71 0.61 4.59
N VAL A 132 5.35 -0.40 3.79
CA VAL A 132 6.35 -1.30 3.20
C VAL A 132 6.21 -1.18 1.69
N CYS A 133 7.35 -0.92 1.03
CA CYS A 133 7.39 -0.65 -0.40
C CYS A 133 8.69 -1.22 -0.94
N THR A 134 8.61 -1.91 -2.08
CA THR A 134 9.83 -2.46 -2.67
C THR A 134 10.68 -1.34 -3.27
N ALA A 135 11.90 -1.70 -3.67
CA ALA A 135 12.92 -0.71 -3.96
C ALA A 135 12.53 0.20 -5.12
N GLY A 136 11.91 -0.33 -6.16
CA GLY A 136 11.48 0.51 -7.27
C GLY A 136 10.62 1.68 -6.83
N GLY A 137 9.72 1.44 -5.89
CA GLY A 137 8.83 2.50 -5.42
C GLY A 137 9.53 3.50 -4.53
N ILE A 138 10.60 3.07 -3.86
CA ILE A 138 11.44 4.00 -3.12
C ILE A 138 12.13 4.95 -4.09
N GLU A 139 12.93 4.40 -5.01
CA GLU A 139 13.73 5.24 -5.89
C GLU A 139 12.88 6.08 -6.84
N GLU A 140 11.80 5.53 -7.41
CA GLU A 140 11.10 6.28 -8.44
C GLU A 140 10.36 7.48 -7.86
N ASP A 141 10.00 7.43 -6.57
CA ASP A 141 9.44 8.61 -5.91
C ASP A 141 10.47 9.75 -5.87
N PHE A 142 11.71 9.43 -5.57
CA PHE A 142 12.76 10.47 -5.58
C PHE A 142 13.06 10.92 -7.00
N ILE A 143 13.15 9.97 -7.94
CA ILE A 143 13.47 10.32 -9.32
C ILE A 143 12.43 11.26 -9.90
N LYS A 144 11.14 11.04 -9.58
CA LYS A 144 10.10 11.92 -10.09
C LYS A 144 10.25 13.37 -9.59
N CYS A 145 11.02 13.59 -8.53
CA CYS A 145 11.33 14.97 -8.12
C CYS A 145 12.41 15.60 -8.99
N LEU A 146 13.13 14.79 -9.75
CA LEU A 146 14.18 15.23 -10.66
C LEU A 146 13.72 15.29 -12.11
N ALA A 147 12.85 14.34 -12.56
CA ALA A 147 12.43 14.30 -13.94
C ALA A 147 11.21 13.39 -14.05
N PRO A 148 10.29 13.67 -14.96
CA PRO A 148 9.02 12.93 -14.97
C PRO A 148 9.08 11.61 -15.72
N THR A 149 8.08 10.79 -15.44
CA THR A 149 7.80 9.55 -16.16
C THR A 149 6.73 9.87 -17.20
N HIS A 150 6.88 9.29 -18.39
CA HIS A 150 6.02 9.62 -19.51
C HIS A 150 5.01 8.50 -19.81
N MET A 151 3.93 8.90 -20.47
CA MET A 151 2.94 7.94 -20.96
C MET A 151 3.48 7.24 -22.20
N GLY A 152 3.29 5.93 -22.25
CA GLY A 152 3.61 5.16 -23.44
C GLY A 152 2.51 4.17 -23.78
N GLU A 153 2.88 2.94 -24.13
CA GLU A 153 1.92 1.92 -24.53
C GLU A 153 2.50 0.56 -24.19
N PHE A 154 1.61 -0.43 -23.99
CA PHE A 154 2.07 -1.78 -23.65
C PHE A 154 2.74 -2.46 -24.84
N PHE A 155 2.33 -2.14 -26.06
CA PHE A 155 2.79 -2.83 -27.28
C PHE A 155 3.59 -1.86 -28.14
N HIS A 156 4.87 -1.73 -27.78
CA HIS A 156 5.85 -1.02 -28.57
C HIS A 156 7.14 -1.82 -28.45
N ASP A 157 7.70 -2.23 -29.59
CA ASP A 157 8.86 -3.13 -29.62
C ASP A 157 9.99 -2.65 -28.72
N GLY A 158 10.39 -3.50 -27.78
CA GLY A 158 11.45 -3.13 -26.85
C GLY A 158 12.81 -2.95 -27.50
N HIS A 159 13.02 -3.54 -28.68
CA HIS A 159 14.28 -3.30 -29.39
C HIS A 159 14.40 -1.84 -29.76
N ASP A 160 13.31 -1.26 -30.28
CA ASP A 160 13.30 0.16 -30.61
C ASP A 160 13.48 1.02 -29.36
N LEU A 161 12.78 0.68 -28.28
CA LEU A 161 12.90 1.46 -27.05
C LEU A 161 14.34 1.44 -26.52
N ARG A 162 14.96 0.26 -26.49
CA ARG A 162 16.32 0.18 -25.95
C ARG A 162 17.28 1.05 -26.75
N LYS A 163 17.20 0.98 -28.07
CA LYS A 163 18.06 1.81 -28.93
C LYS A 163 17.86 3.29 -28.67
N ARG A 164 16.75 3.67 -28.05
CA ARG A 164 16.46 5.07 -27.71
C ARG A 164 16.69 5.32 -26.23
N GLY A 165 17.17 4.35 -25.48
CA GLY A 165 17.37 4.53 -24.05
C GLY A 165 16.11 4.71 -23.24
N LEU A 166 15.00 4.10 -23.68
CA LEU A 166 13.69 4.29 -23.04
C LEU A 166 13.31 3.00 -22.32
N ASN A 167 13.27 3.07 -21.00
CA ASN A 167 12.89 1.93 -20.17
C ASN A 167 11.37 1.86 -20.01
N ARG A 168 10.79 0.71 -20.33
CA ARG A 168 9.33 0.57 -20.25
C ARG A 168 8.90 -0.07 -18.94
N ILE A 169 7.85 0.51 -18.34
CA ILE A 169 7.18 -0.05 -17.17
C ILE A 169 5.70 -0.11 -17.55
N GLY A 170 5.24 -1.28 -17.98
CA GLY A 170 3.87 -1.39 -18.44
C GLY A 170 3.62 -0.48 -19.65
N ASN A 171 2.72 0.48 -19.50
CA ASN A 171 2.47 1.46 -20.55
C ASN A 171 3.07 2.83 -20.19
N LEU A 172 4.12 2.81 -19.37
CA LEU A 172 4.86 4.01 -18.95
C LEU A 172 6.30 3.92 -19.44
N ILE A 173 6.97 5.09 -19.52
CA ILE A 173 8.34 5.17 -20.03
C ILE A 173 9.17 6.03 -19.08
N VAL A 174 10.30 5.50 -18.65
CA VAL A 174 11.29 6.24 -17.86
C VAL A 174 12.54 6.41 -18.74
N PRO A 175 12.80 7.59 -19.29
CA PRO A 175 14.04 7.79 -20.05
C PRO A 175 15.24 7.52 -19.16
N ASN A 176 16.27 6.88 -19.73
CA ASN A 176 17.37 6.48 -18.89
C ASN A 176 18.10 7.66 -18.28
N LYS A 177 18.01 8.84 -18.91
CA LYS A 177 18.60 10.04 -18.33
C LYS A 177 18.12 10.26 -16.91
N ASN A 178 16.87 9.88 -16.62
CA ASN A 178 16.36 10.00 -15.26
C ASN A 178 17.24 9.28 -14.26
N TYR A 179 17.86 8.17 -14.67
CA TYR A 179 18.68 7.42 -13.73
C TYR A 179 20.06 8.06 -13.57
N LEU A 181 20.41 11.32 -13.63
CA LEU A 181 20.09 12.39 -12.68
C LEU A 181 20.01 11.85 -11.26
N PHE A 182 19.40 10.67 -11.08
CA PHE A 182 19.38 10.01 -9.77
C PHE A 182 20.79 9.77 -9.26
N GLU A 183 21.68 9.28 -10.13
CA GLU A 183 23.06 9.04 -9.73
C GLU A 183 23.69 10.34 -9.20
N ASP A 184 23.53 11.43 -9.95
CA ASP A 184 24.12 12.70 -9.51
C ASP A 184 23.59 13.10 -8.14
N TRP A 185 22.30 12.87 -7.89
CA TRP A 185 21.67 13.28 -6.65
C TRP A 185 22.13 12.42 -5.48
N ILE A 186 22.22 11.10 -5.69
CA ILE A 186 22.37 10.21 -4.54
C ILE A 186 23.82 9.95 -4.15
N MET A 187 24.76 10.08 -5.06
CA MET A 187 26.14 9.71 -4.73
C MET A 187 26.70 10.55 -3.59
N PRO A 188 26.49 11.86 -3.52
CA PRO A 188 27.02 12.62 -2.36
C PRO A 188 26.33 12.22 -1.08
N ILE A 189 25.07 11.78 -1.15
CA ILE A 189 24.38 11.33 0.06
C ILE A 189 24.99 10.03 0.55
N LEU A 190 25.24 9.08 -0.35
CA LEU A 190 25.86 7.84 0.07
C LEU A 190 27.26 8.11 0.66
N ASP A 191 28.02 9.02 0.04
CA ASP A 191 29.30 9.43 0.63
C ASP A 191 29.13 9.87 2.08
N LYS A 192 28.18 10.77 2.32
CA LYS A 192 27.94 11.25 3.68
C LYS A 192 27.48 10.13 4.60
N CYS A 193 26.60 9.24 4.12
CA CYS A 193 26.17 8.15 4.98
C CYS A 193 27.35 7.27 5.39
N LEU A 194 28.27 7.03 4.46
CA LEU A 194 29.40 6.18 4.77
C LEU A 194 30.36 6.91 5.72
N GLU A 195 30.48 8.20 5.56
CA GLU A 195 31.30 9.05 6.47
C GLU A 195 30.70 8.92 7.87
N GLU A 196 29.38 9.00 8.03
CA GLU A 196 28.76 8.91 9.34
C GLU A 196 28.90 7.51 9.92
N GLN A 197 28.80 6.48 9.07
CA GLN A 197 29.07 5.13 9.53
C GLN A 197 30.48 5.06 10.11
N ASN A 198 31.45 5.63 9.40
CA ASN A 198 32.86 5.47 9.77
C ASN A 198 33.21 6.31 10.99
N THR A 199 32.70 7.53 11.08
CA THR A 199 33.11 8.45 12.14
C THR A 199 32.15 8.48 13.32
N GLN A 200 30.86 8.24 13.12
CA GLN A 200 29.92 8.29 14.23
C GLN A 200 29.31 6.95 14.59
N GLY A 201 29.73 5.87 13.95
CA GLY A 201 29.19 4.56 14.28
C GLY A 201 27.76 4.33 13.81
N THR A 202 27.24 5.17 12.93
CA THR A 202 25.88 4.96 12.44
C THR A 202 25.76 3.58 11.80
N LYS A 203 24.71 2.87 12.14
CA LYS A 203 24.38 1.51 11.64
C LYS A 203 23.20 1.62 10.66
N TRP A 204 23.47 1.64 9.37
CA TRP A 204 22.43 1.80 8.37
C TRP A 204 21.62 0.53 8.16
N THR A 205 20.33 0.73 7.96
CA THR A 205 19.35 -0.29 7.60
C THR A 205 18.54 0.31 6.46
N PRO A 206 17.77 -0.52 5.76
CA PRO A 206 16.88 0.09 4.75
C PRO A 206 15.96 1.17 5.31
N SER A 207 15.26 0.93 6.42
CA SER A 207 14.32 1.94 6.90
C SER A 207 15.05 3.23 7.31
N LYS A 208 16.23 3.11 7.90
CA LYS A 208 16.96 4.32 8.29
C LYS A 208 17.43 5.08 7.06
N LEU A 209 17.91 4.35 6.04
CA LEU A 209 18.31 5.02 4.81
C LEU A 209 17.12 5.69 4.12
N ILE A 210 15.97 5.02 4.06
CA ILE A 210 14.82 5.63 3.39
C ILE A 210 14.39 6.90 4.11
N HIS A 211 14.46 6.88 5.44
CA HIS A 211 14.17 8.10 6.22
C HIS A 211 15.11 9.22 5.79
N ARG A 212 16.41 8.91 5.70
CA ARG A 212 17.40 9.92 5.36
C ARG A 212 17.19 10.45 3.96
N LEU A 213 16.91 9.56 2.99
CA LEU A 213 16.68 10.03 1.64
C LEU A 213 15.43 10.90 1.57
N GLY A 214 14.42 10.60 2.38
CA GLY A 214 13.23 11.44 2.42
C GLY A 214 13.55 12.87 2.85
N LEU A 215 14.33 13.00 3.92
CA LEU A 215 14.72 14.35 4.34
C LEU A 215 15.58 15.03 3.28
N GLU A 216 16.48 14.28 2.65
CA GLU A 216 17.37 14.89 1.66
C GLU A 216 16.62 15.43 0.46
N ILE A 217 15.61 14.71 -0.04
CA ILE A 217 14.97 15.19 -1.24
C ILE A 217 14.26 16.51 -0.97
N ASN A 218 13.76 16.70 0.25
CA ASN A 218 13.31 18.01 0.71
C ASN A 218 12.33 18.64 -0.28
N ASN A 219 11.27 17.89 -0.62
CA ASN A 219 10.40 18.24 -1.73
C ASN A 219 9.02 17.68 -1.42
N GLU A 220 8.00 18.55 -1.39
CA GLU A 220 6.68 18.15 -0.95
C GLU A 220 5.96 17.27 -1.98
N ASP A 221 6.54 17.11 -3.17
CA ASP A 221 6.01 16.20 -4.18
C ASP A 221 6.32 14.74 -3.87
N SER A 222 7.26 14.49 -2.95
CA SER A 222 7.78 13.16 -2.68
C SER A 222 6.99 12.50 -1.55
N VAL A 223 6.53 11.26 -1.81
CA VAL A 223 5.90 10.46 -0.76
C VAL A 223 6.85 10.28 0.43
N TRP A 224 8.11 9.89 0.16
CA TRP A 224 8.98 9.47 1.27
C TRP A 224 9.51 10.68 2.04
N TYR A 225 9.50 11.86 1.42
CA TYR A 225 9.69 13.11 2.17
C TYR A 225 8.63 13.24 3.26
N TRP A 226 7.36 13.10 2.87
CA TRP A 226 6.30 13.19 3.87
C TRP A 226 6.40 12.09 4.91
N ALA A 227 6.81 10.89 4.51
CA ALA A 227 6.96 9.84 5.52
C ALA A 227 8.00 10.22 6.57
N ALA A 228 9.12 10.75 6.11
CA ALA A 228 10.19 11.15 7.02
C ALA A 228 9.72 12.31 7.91
N LYS A 229 9.04 13.30 7.33
CA LYS A 229 8.58 14.43 8.13
C LYS A 229 7.57 14.00 9.18
N ASN A 230 6.77 12.97 8.90
CA ASN A 230 5.74 12.53 9.83
C ASN A 230 6.19 11.37 10.69
N ASN A 231 7.47 11.01 10.61
CA ASN A 231 8.05 9.89 11.36
C ASN A 231 7.25 8.62 11.13
N ILE A 232 6.99 8.36 9.85
CA ILE A 232 6.36 7.13 9.38
C ILE A 232 7.49 6.22 8.90
N PRO A 233 7.76 5.11 9.58
CA PRO A 233 8.82 4.21 9.12
C PRO A 233 8.44 3.54 7.81
N VAL A 234 9.44 3.37 6.94
CA VAL A 234 9.26 2.73 5.64
C VAL A 234 10.27 1.59 5.56
N TYR A 235 9.77 0.36 5.42
CA TYR A 235 10.60 -0.82 5.35
C TYR A 235 10.68 -1.32 3.91
N SER A 236 11.81 -1.94 3.58
CA SER A 236 12.08 -2.41 2.23
C SER A 236 13.24 -3.41 2.32
N PRO A 237 12.98 -4.65 2.72
CA PRO A 237 14.11 -5.54 3.02
C PRO A 237 14.94 -5.95 1.82
N ALA A 238 14.41 -5.91 0.61
CA ALA A 238 15.25 -6.06 -0.60
C ALA A 238 15.55 -4.70 -1.25
N LEU A 239 16.09 -3.76 -0.47
CA LEU A 239 16.25 -2.41 -1.01
C LEU A 239 17.25 -2.36 -2.15
N THR A 240 18.12 -3.33 -2.27
CA THR A 240 19.08 -3.38 -3.37
C THR A 240 18.47 -3.91 -4.66
N ASP A 241 17.19 -4.31 -4.67
CA ASP A 241 16.60 -4.92 -5.88
C ASP A 241 15.99 -3.83 -6.78
N GLY A 242 16.88 -3.06 -7.39
CA GLY A 242 16.46 -1.92 -8.19
C GLY A 242 17.61 -0.95 -8.40
N SER A 243 17.25 0.27 -8.79
CA SER A 243 18.25 1.29 -9.14
C SER A 243 19.05 1.75 -7.92
N ILE A 244 18.45 1.81 -6.74
CA ILE A 244 19.22 2.10 -5.55
C ILE A 244 20.30 1.04 -5.38
N GLY A 245 19.97 -0.22 -5.69
CA GLY A 245 20.99 -1.25 -5.68
C GLY A 245 22.10 -0.96 -6.68
N ASP A 246 21.74 -0.48 -7.88
CA ASP A 246 22.74 -0.12 -8.87
C ASP A 246 23.64 0.99 -8.33
N MET A 247 23.05 2.01 -7.75
CA MET A 247 23.80 3.18 -7.21
C MET A 247 24.72 2.68 -6.10
N ILE A 248 24.27 1.84 -5.19
CA ILE A 248 25.12 1.26 -4.16
C ILE A 248 26.28 0.49 -4.77
N TYR A 249 25.99 -0.28 -5.82
CA TYR A 249 27.02 -1.03 -6.52
C TYR A 249 28.12 -0.10 -7.03
N PHE A 250 27.75 0.89 -7.85
CA PHE A 250 28.78 1.75 -8.43
C PHE A 250 29.45 2.62 -7.38
N HIS A 251 28.67 3.10 -6.41
CA HIS A 251 29.27 3.85 -5.31
C HIS A 251 30.35 3.04 -4.61
N SER A 252 30.11 1.73 -4.44
CA SER A 252 31.01 0.94 -3.61
C SER A 252 32.38 0.75 -4.23
N TYR A 253 32.50 0.87 -5.55
CA TYR A 253 33.82 0.81 -6.19
C TYR A 253 34.57 2.13 -6.05
N ASN A 254 33.84 3.24 -5.96
CA ASN A 254 34.44 4.54 -5.70
C ASN A 254 34.74 4.76 -4.22
N ASN A 255 33.98 4.13 -3.33
CA ASN A 255 34.01 4.42 -1.91
C ASN A 255 33.51 3.21 -1.13
N PRO A 256 34.35 2.21 -0.93
CA PRO A 256 33.89 0.95 -0.34
C PRO A 256 33.69 1.04 1.17
N GLY A 257 32.80 0.16 1.65
CA GLY A 257 32.61 -0.07 3.07
C GLY A 257 31.21 0.13 3.60
N LEU A 258 30.27 0.65 2.81
CA LEU A 258 28.90 0.81 3.29
C LEU A 258 28.29 -0.54 3.66
N VAL A 259 27.62 -0.58 4.80
CA VAL A 259 26.90 -1.76 5.27
C VAL A 259 25.43 -1.40 5.40
N LEU A 260 24.56 -2.28 4.90
CA LEU A 260 23.11 -2.09 4.96
C LEU A 260 22.53 -3.34 5.60
N ASP A 261 22.12 -3.24 6.86
CA ASP A 261 21.79 -4.39 7.70
C ASP A 261 20.30 -4.72 7.71
N LEU A 262 19.98 -6.01 7.55
CA LEU A 262 18.61 -6.51 7.63
C LEU A 262 18.17 -6.86 9.04
N VAL A 263 19.11 -7.18 9.93
CA VAL A 263 18.74 -7.76 11.23
C VAL A 263 18.02 -6.72 12.08
N GLU A 264 18.60 -5.53 12.22
CA GLU A 264 17.95 -4.47 13.01
CA GLU A 264 17.92 -4.53 13.04
C GLU A 264 16.58 -4.14 12.43
N ASP A 265 16.45 -4.21 11.11
CA ASP A 265 15.18 -3.85 10.48
C ASP A 265 14.11 -4.92 10.62
N ILE A 266 14.48 -6.20 10.85
CA ILE A 266 13.43 -7.19 11.09
C ILE A 266 12.97 -7.13 12.54
N ARG A 267 13.88 -6.82 13.47
CA ARG A 267 13.44 -6.50 14.83
C ARG A 267 12.43 -5.36 14.81
N ASP A 268 12.79 -4.26 14.14
CA ASP A 268 11.96 -3.08 14.16
C ASP A 268 10.64 -3.32 13.42
N MET A 269 10.68 -3.99 12.26
CA MET A 269 9.42 -4.24 11.54
C MET A 269 8.46 -5.11 12.37
N ASN A 270 8.97 -6.21 12.91
CA ASN A 270 8.07 -7.15 13.55
C ASN A 270 7.58 -6.66 14.90
N ASN A 271 8.25 -5.64 15.47
CA ASN A 271 7.73 -4.99 16.67
C ASN A 271 6.70 -3.92 16.37
N GLU A 272 6.56 -3.48 15.11
CA GLU A 272 5.62 -2.39 14.82
C GLU A 272 4.18 -2.68 15.22
N PRO A 273 3.67 -3.91 15.11
CA PRO A 273 2.23 -4.14 15.43
C PRO A 273 1.92 -4.37 16.90
N LEU A 274 2.90 -4.32 17.82
CA LEU A 274 2.65 -4.89 19.14
C LEU A 274 2.03 -3.91 20.15
N TRP A 275 2.19 -2.61 19.94
CA TRP A 275 1.65 -1.64 20.91
C TRP A 275 0.17 -1.37 20.72
N ALA A 276 -0.29 -1.27 19.47
CA ALA A 276 -1.63 -0.78 19.19
C ALA A 276 -2.72 -1.68 19.74
N THR A 277 -3.85 -1.06 20.09
CA THR A 277 -5.00 -1.84 20.53
C THR A 277 -5.57 -2.66 19.36
N LYS A 278 -5.60 -2.06 18.17
CA LYS A 278 -5.97 -2.77 16.94
C LYS A 278 -5.01 -2.36 15.82
N THR A 279 -4.84 -3.25 14.83
CA THR A 279 -4.12 -2.91 13.62
C THR A 279 -4.99 -3.18 12.40
N GLY A 280 -4.80 -2.35 11.39
CA GLY A 280 -5.38 -2.55 10.06
C GLY A 280 -4.26 -2.63 9.04
N CYS A 281 -4.47 -3.47 8.03
CA CYS A 281 -3.51 -3.65 6.95
C CYS A 281 -4.23 -3.36 5.64
N ILE A 282 -3.65 -2.50 4.82
CA ILE A 282 -4.13 -2.21 3.46
C ILE A 282 -2.99 -2.58 2.53
N ILE A 283 -3.15 -3.67 1.77
CA ILE A 283 -2.08 -4.22 0.94
C ILE A 283 -2.50 -4.07 -0.52
N LEU A 284 -1.75 -3.24 -1.24
CA LEU A 284 -2.00 -2.91 -2.64
C LEU A 284 -0.91 -3.62 -3.46
N GLY A 285 -1.31 -4.70 -4.12
CA GLY A 285 -0.35 -5.57 -4.77
C GLY A 285 0.12 -6.67 -3.85
N GLY A 286 1.04 -7.49 -4.36
CA GLY A 286 1.49 -8.65 -3.62
C GLY A 286 2.99 -8.66 -3.35
N GLY A 287 3.58 -9.87 -3.31
CA GLY A 287 5.02 -10.01 -3.15
C GLY A 287 5.50 -9.71 -1.74
N VAL A 288 6.73 -9.20 -1.67
CA VAL A 288 7.38 -8.95 -0.38
C VAL A 288 6.54 -8.04 0.50
N VAL A 289 5.94 -6.99 -0.06
CA VAL A 289 5.27 -6.03 0.82
C VAL A 289 4.10 -6.69 1.52
N LYS A 290 3.44 -7.62 0.85
CA LYS A 290 2.31 -8.32 1.45
C LYS A 290 2.78 -9.28 2.54
N HIS A 291 3.78 -10.11 2.23
CA HIS A 291 4.20 -11.05 3.26
C HIS A 291 4.81 -10.32 4.46
N HIS A 292 5.59 -9.27 4.20
CA HIS A 292 6.31 -8.60 5.29
C HIS A 292 5.32 -8.02 6.31
N ILE A 293 4.26 -7.36 5.82
CA ILE A 293 3.26 -6.77 6.71
C ILE A 293 2.45 -7.85 7.40
N MET A 294 1.95 -8.83 6.63
CA MET A 294 1.08 -9.81 7.26
C MET A 294 1.85 -10.67 8.25
N ASN A 295 3.10 -11.02 7.94
CA ASN A 295 3.86 -11.81 8.89
C ASN A 295 4.14 -11.03 10.17
N ALA A 296 4.49 -9.75 10.04
CA ALA A 296 4.71 -8.94 11.23
C ALA A 296 3.48 -9.01 12.15
N ASN A 297 2.29 -9.02 11.55
CA ASN A 297 1.09 -8.99 12.38
C ASN A 297 0.81 -10.32 13.05
N LEU A 298 1.50 -11.39 12.67
CA LEU A 298 1.41 -12.61 13.46
C LEU A 298 1.94 -12.38 14.88
N TYR A 299 2.84 -11.42 15.03
CA TYR A 299 3.54 -11.22 16.31
C TYR A 299 2.58 -10.68 17.38
N ARG A 300 1.47 -10.09 16.98
CA ARG A 300 0.37 -9.70 17.86
C ARG A 300 -0.80 -10.68 17.82
N ASN A 301 -0.59 -11.87 17.25
CA ASN A 301 -1.65 -12.86 17.05
C ASN A 301 -2.71 -12.38 16.06
N GLY A 302 -2.32 -11.54 15.10
CA GLY A 302 -3.17 -11.27 13.95
C GLY A 302 -3.56 -9.83 13.76
N ALA A 303 -3.59 -9.39 12.50
CA ALA A 303 -4.21 -8.12 12.16
C ALA A 303 -5.72 -8.17 12.39
N ASP A 304 -6.28 -7.03 12.80
CA ASP A 304 -7.69 -6.97 13.17
C ASP A 304 -8.61 -6.53 12.03
N PHE A 305 -8.10 -5.67 11.12
CA PHE A 305 -8.82 -5.20 9.94
C PHE A 305 -7.91 -5.38 8.73
N VAL A 306 -8.46 -5.82 7.58
CA VAL A 306 -7.59 -6.16 6.45
C VAL A 306 -8.30 -5.87 5.13
N VAL A 307 -7.60 -5.19 4.23
CA VAL A 307 -8.00 -5.07 2.83
C VAL A 307 -6.80 -5.48 1.97
N TYR A 308 -7.04 -6.39 1.02
CA TYR A 308 -6.11 -6.68 -0.07
C TYR A 308 -6.72 -6.15 -1.35
N VAL A 309 -5.92 -5.53 -2.22
CA VAL A 309 -6.33 -5.26 -3.61
C VAL A 309 -5.22 -5.79 -4.50
N ASN A 310 -5.50 -6.84 -5.27
CA ASN A 310 -4.44 -7.30 -6.17
C ASN A 310 -5.05 -8.15 -7.27
N THR A 311 -4.23 -8.42 -8.29
CA THR A 311 -4.61 -9.17 -9.48
C THR A 311 -4.21 -10.64 -9.43
N ALA A 312 -3.76 -11.12 -8.29
CA ALA A 312 -3.32 -12.50 -8.20
C ALA A 312 -4.48 -13.40 -7.78
N HIS A 313 -4.26 -14.70 -7.94
CA HIS A 313 -5.24 -15.72 -7.62
C HIS A 313 -4.55 -16.85 -6.85
N ASP A 314 -5.31 -17.59 -6.07
CA ASP A 314 -4.59 -18.50 -5.18
C ASP A 314 -4.20 -19.83 -5.82
N PHE A 315 -4.63 -20.11 -7.05
CA PHE A 315 -4.44 -21.44 -7.65
C PHE A 315 -2.98 -21.81 -7.85
N ASP A 316 -2.07 -20.85 -7.87
CA ASP A 316 -0.65 -21.15 -8.08
C ASP A 316 0.10 -21.33 -6.76
N GLY A 317 -0.60 -21.30 -5.63
CA GLY A 317 0.02 -21.46 -4.33
C GLY A 317 0.89 -20.31 -3.90
N SER A 318 0.90 -19.22 -4.64
CA SER A 318 1.81 -18.13 -4.34
C SER A 318 1.36 -17.38 -3.08
N ASP A 319 2.35 -16.75 -2.44
CA ASP A 319 2.01 -15.83 -1.35
C ASP A 319 1.22 -14.65 -1.88
N SER A 320 1.59 -14.14 -3.07
CA SER A 320 0.87 -13.02 -3.68
C SER A 320 -0.61 -13.33 -3.83
N GLY A 321 -0.93 -14.54 -4.31
CA GLY A 321 -2.29 -14.92 -4.62
C GLY A 321 -3.12 -15.45 -3.48
N ALA A 322 -2.53 -15.61 -2.31
CA ALA A 322 -3.24 -16.22 -1.19
C ALA A 322 -4.39 -15.33 -0.76
N ARG A 323 -5.55 -15.95 -0.53
CA ARG A 323 -6.69 -15.26 0.02
C ARG A 323 -6.41 -14.88 1.47
N PRO A 324 -7.13 -13.87 1.98
CA PRO A 324 -7.06 -13.58 3.43
C PRO A 324 -7.26 -14.83 4.28
N ASP A 325 -8.11 -15.76 3.83
CA ASP A 325 -8.34 -16.99 4.60
C ASP A 325 -7.05 -17.75 4.86
N GLU A 326 -6.12 -17.75 3.91
CA GLU A 326 -4.86 -18.44 4.15
C GLU A 326 -4.11 -17.79 5.28
N ALA A 327 -4.11 -16.45 5.32
CA ALA A 327 -3.39 -15.74 6.38
C ALA A 327 -4.00 -16.02 7.75
N VAL A 328 -5.32 -16.23 7.79
CA VAL A 328 -5.95 -16.66 9.04
C VAL A 328 -5.33 -17.96 9.56
N SER A 329 -5.09 -18.93 8.66
CA SER A 329 -4.53 -20.21 9.11
C SER A 329 -3.18 -20.02 9.78
N TRP A 330 -2.42 -19.02 9.34
CA TRP A 330 -1.08 -18.75 9.90
C TRP A 330 -1.13 -17.95 11.20
N GLY A 331 -2.26 -17.34 11.53
CA GLY A 331 -2.30 -16.39 12.62
C GLY A 331 -1.93 -14.97 12.24
N LYS A 332 -1.77 -14.69 10.95
CA LYS A 332 -1.38 -13.35 10.50
C LYS A 332 -2.57 -12.40 10.46
N ILE A 333 -3.75 -12.96 10.29
CA ILE A 333 -5.02 -12.27 10.45
C ILE A 333 -5.72 -12.89 11.64
N SER A 334 -6.29 -12.06 12.51
CA SER A 334 -6.92 -12.56 13.72
C SER A 334 -8.13 -13.42 13.40
N LEU A 335 -8.47 -14.28 14.36
CA LEU A 335 -9.62 -15.15 14.20
C LEU A 335 -10.94 -14.37 14.14
N GLU A 336 -10.98 -13.16 14.67
CA GLU A 336 -12.22 -12.38 14.70
C GLU A 336 -12.35 -11.40 13.53
N ALA A 337 -11.28 -11.17 12.77
CA ALA A 337 -11.34 -10.24 11.65
C ALA A 337 -12.33 -10.70 10.58
N LYS A 338 -12.78 -9.74 9.79
CA LYS A 338 -13.69 -9.94 8.64
C LYS A 338 -12.99 -9.31 7.44
N PRO A 339 -11.92 -9.92 6.92
CA PRO A 339 -11.10 -9.27 5.89
C PRO A 339 -11.79 -9.22 4.53
N VAL A 340 -11.26 -8.34 3.67
CA VAL A 340 -11.80 -8.11 2.33
C VAL A 340 -10.67 -8.15 1.31
N LYS A 341 -10.86 -8.91 0.23
CA LYS A 341 -10.01 -8.78 -0.95
C LYS A 341 -10.82 -8.30 -2.15
N VAL A 342 -10.29 -7.29 -2.83
CA VAL A 342 -10.78 -6.85 -4.13
C VAL A 342 -9.84 -7.41 -5.19
N TYR A 343 -10.41 -8.14 -6.15
CA TYR A 343 -9.69 -8.76 -7.25
C TYR A 343 -9.68 -7.77 -8.41
N ALA A 344 -8.63 -6.97 -8.51
CA ALA A 344 -8.61 -5.84 -9.43
C ALA A 344 -7.23 -5.20 -9.51
N GLU A 345 -6.99 -4.52 -10.62
CA GLU A 345 -5.82 -3.69 -10.83
C GLU A 345 -5.99 -2.38 -10.04
N VAL A 346 -4.98 -2.08 -9.22
CA VAL A 346 -5.11 -1.04 -8.19
C VAL A 346 -5.44 0.34 -8.76
N THR A 347 -4.94 0.68 -9.96
CA THR A 347 -5.21 2.03 -10.46
C THR A 347 -6.70 2.27 -10.68
N LEU A 348 -7.51 1.21 -10.82
CA LEU A 348 -8.96 1.31 -11.00
C LEU A 348 -9.73 1.38 -9.69
N VAL A 349 -9.07 1.15 -8.57
CA VAL A 349 -9.70 0.86 -7.30
C VAL A 349 -9.31 1.91 -6.25
N LEU A 350 -8.01 2.19 -6.14
CA LEU A 350 -7.54 3.05 -5.06
C LEU A 350 -8.23 4.41 -5.05
N PRO A 351 -8.44 5.10 -6.18
CA PRO A 351 -9.09 6.41 -6.11
C PRO A 351 -10.45 6.35 -5.43
N LEU A 352 -11.26 5.33 -5.72
CA LEU A 352 -12.57 5.24 -5.10
C LEU A 352 -12.47 4.79 -3.65
N LEU A 353 -11.47 4.00 -3.30
CA LEU A 353 -11.26 3.69 -1.89
C LEU A 353 -10.95 4.97 -1.10
N VAL A 354 -10.13 5.84 -1.65
CA VAL A 354 -9.78 7.08 -0.98
C VAL A 354 -11.01 7.98 -0.85
N ALA A 355 -11.78 8.11 -1.95
CA ALA A 355 -12.99 8.93 -1.91
C ALA A 355 -13.97 8.45 -0.85
N GLY A 356 -14.09 7.14 -0.69
CA GLY A 356 -15.11 6.61 0.16
C GLY A 356 -14.75 6.50 1.62
N SER A 357 -13.45 6.58 1.95
CA SER A 357 -13.01 6.36 3.32
C SER A 357 -12.10 7.51 3.74
N PHE A 358 -10.82 7.46 3.35
CA PHE A 358 -9.82 8.42 3.82
C PHE A 358 -10.27 9.88 3.67
N SER A 359 -10.72 10.26 2.47
CA SER A 359 -11.08 11.66 2.23
C SER A 359 -12.25 12.08 3.12
N LYS A 360 -13.29 11.27 3.17
CA LYS A 360 -14.48 11.55 4.00
C LYS A 360 -14.04 11.71 5.45
N PHE A 361 -13.15 10.85 5.92
CA PHE A 361 -12.64 10.89 7.29
C PHE A 361 -11.93 12.20 7.54
N LEU A 362 -11.04 12.58 6.62
CA LEU A 362 -10.28 13.81 6.79
C LEU A 362 -11.18 15.04 6.80
N ALA A 363 -12.33 14.95 6.14
CA ALA A 363 -13.26 16.07 6.06
C ALA A 363 -14.11 16.23 7.30
N GLU A 364 -14.24 15.19 8.11
CA GLU A 364 -14.93 15.30 9.39
C GLU A 364 -14.19 16.29 10.29
#